data_8YVW
#
_entry.id   8YVW
#
_cell.length_a   47.176
_cell.length_b   71.361
_cell.length_c   72.349
_cell.angle_alpha   90.000
_cell.angle_beta   90.000
_cell.angle_gamma   90.000
#
_symmetry.space_group_name_H-M   'P 21 21 21'
#
loop_
_entity.id
_entity.type
_entity.pdbx_description
1 polymer '(S)-2-haloacid dehalogenase'
2 non-polymer 'FORMIC ACID'
3 non-polymer IMIDAZOLE
4 non-polymer 'MAGNESIUM ION'
5 water water
#
_entity_poly.entity_id   1
_entity_poly.type   'polypeptide(L)'
_entity_poly.pdbx_seq_one_letter_code
;MQLTDFKALTFNCYGTLIDWETGIVNALQPLAKRTGKTFTSDELLEVFGRNESPQQTETPGALYQDILRAVYDRIAKEWG
LEPDAAEREEFGTSVKNWPAFPDTVEALQYLKKHYKLVILSNIDRNEFKLSNAKLGVEFDHIITAQDVGSYKPNPNNFTY
MIDALAKAGIEKKDILHTAESLYHDHIPANDAGLVSAWIYRRHGKEGYGATHVPSRMPNVDFRFNSMGEMAEAHKQALKG
;
_entity_poly.pdbx_strand_id   A
#
loop_
_chem_comp.id
_chem_comp.type
_chem_comp.name
_chem_comp.formula
FMT non-polymer 'FORMIC ACID' 'C H2 O2'
IMD non-polymer IMIDAZOLE 'C3 H5 N2 1'
MG non-polymer 'MAGNESIUM ION' 'Mg 2'
#
# COMPACT_ATOMS: atom_id res chain seq x y z
N MET A 1 7.73 13.28 21.34
CA MET A 1 7.86 12.46 20.16
CA MET A 1 7.59 12.45 20.15
C MET A 1 7.87 13.27 18.89
N GLN A 2 8.94 13.02 18.15
CA GLN A 2 9.14 13.79 16.93
C GLN A 2 9.77 12.92 15.86
N LEU A 3 9.72 13.42 14.62
CA LEU A 3 10.16 12.60 13.49
C LEU A 3 11.61 12.18 13.64
N THR A 4 12.44 13.02 14.24
CA THR A 4 13.86 12.73 14.37
C THR A 4 14.16 11.71 15.45
N ASP A 5 13.16 11.21 16.17
CA ASP A 5 13.39 10.14 17.14
C ASP A 5 13.60 8.79 16.49
N PHE A 6 13.35 8.66 15.19
CA PHE A 6 13.30 7.35 14.53
C PHE A 6 14.47 7.20 13.58
N LYS A 7 14.94 5.95 13.44
CA LYS A 7 16.03 5.62 12.54
CA LYS A 7 16.04 5.64 12.53
C LYS A 7 15.56 5.03 11.22
N ALA A 8 14.36 4.48 11.17
CA ALA A 8 13.86 3.81 9.99
C ALA A 8 12.42 4.19 9.77
N LEU A 9 12.06 4.38 8.50
CA LEU A 9 10.68 4.50 8.08
C LEU A 9 10.29 3.21 7.40
N THR A 10 9.21 2.58 7.86
CA THR A 10 8.69 1.39 7.22
C THR A 10 7.43 1.76 6.48
N PHE A 11 7.31 1.40 5.22
CA PHE A 11 6.27 1.93 4.35
C PHE A 11 5.33 0.87 3.81
N ASN A 12 4.04 1.19 3.79
CA ASN A 12 3.18 0.66 2.75
C ASN A 12 3.60 1.24 1.41
N CYS A 13 3.48 0.44 0.34
CA CYS A 13 3.72 0.95 -1.01
C CYS A 13 2.42 1.38 -1.69
N TYR A 14 1.52 0.43 -1.90
CA TYR A 14 0.31 0.65 -2.70
C TYR A 14 -0.74 1.39 -1.90
N GLY A 15 -0.89 2.68 -2.22
CA GLY A 15 -1.78 3.59 -1.55
C GLY A 15 -1.07 4.72 -0.86
N THR A 16 0.23 4.56 -0.56
CA THR A 16 1.03 5.57 0.11
C THR A 16 2.07 6.15 -0.81
N LEU A 17 2.82 5.29 -1.51
CA LEU A 17 3.89 5.68 -2.41
C LEU A 17 3.49 5.54 -3.87
N ILE A 18 2.92 4.38 -4.22
CA ILE A 18 2.31 4.16 -5.54
C ILE A 18 0.83 4.47 -5.46
N ASP A 19 0.34 5.24 -6.44
CA ASP A 19 -1.06 5.59 -6.56
C ASP A 19 -1.79 4.41 -7.20
N TRP A 20 -2.08 3.41 -6.36
CA TRP A 20 -2.78 2.22 -6.86
C TRP A 20 -4.19 2.54 -7.29
N GLU A 21 -4.81 3.60 -6.76
CA GLU A 21 -6.19 3.90 -7.13
C GLU A 21 -6.29 4.33 -8.60
N THR A 22 -5.38 5.19 -9.06
CA THR A 22 -5.37 5.50 -10.49
C THR A 22 -5.14 4.25 -11.30
N GLY A 23 -4.22 3.39 -10.84
CA GLY A 23 -3.95 2.16 -11.57
C GLY A 23 -5.15 1.25 -11.66
N ILE A 24 -5.86 1.07 -10.55
CA ILE A 24 -7.00 0.16 -10.50
C ILE A 24 -8.16 0.71 -11.33
N VAL A 25 -8.47 2.00 -11.18
CA VAL A 25 -9.53 2.58 -12.00
C VAL A 25 -9.23 2.39 -13.48
N ASN A 26 -7.99 2.65 -13.89
CA ASN A 26 -7.65 2.47 -15.28
CA ASN A 26 -7.63 2.47 -15.28
C ASN A 26 -7.78 1.02 -15.70
N ALA A 27 -7.30 0.09 -14.87
CA ALA A 27 -7.28 -1.30 -15.26
C ALA A 27 -8.67 -1.91 -15.30
N LEU A 28 -9.65 -1.33 -14.59
CA LEU A 28 -11.00 -1.86 -14.59
C LEU A 28 -11.84 -1.37 -15.77
N GLN A 29 -11.33 -0.46 -16.60
CA GLN A 29 -12.19 0.11 -17.63
C GLN A 29 -12.75 -0.91 -18.61
N PRO A 30 -11.99 -1.87 -19.13
CA PRO A 30 -12.58 -2.83 -20.07
C PRO A 30 -13.69 -3.68 -19.45
N LEU A 31 -13.48 -4.21 -18.25
CA LEU A 31 -14.53 -4.98 -17.60
C LEU A 31 -15.75 -4.11 -17.37
N ALA A 32 -15.55 -2.87 -16.90
CA ALA A 32 -16.69 -1.99 -16.66
C ALA A 32 -17.44 -1.71 -17.95
N LYS A 33 -16.74 -1.56 -19.08
CA LYS A 33 -17.42 -1.33 -20.33
C LYS A 33 -18.43 -2.44 -20.64
N ARG A 34 -18.10 -3.68 -20.31
CA ARG A 34 -19.00 -4.79 -20.59
CA ARG A 34 -19.00 -4.80 -20.59
C ARG A 34 -20.32 -4.71 -19.82
N THR A 35 -20.37 -3.97 -18.71
CA THR A 35 -21.61 -3.90 -17.94
C THR A 35 -22.62 -2.95 -18.57
N GLY A 36 -22.19 -2.06 -19.46
CA GLY A 36 -23.09 -1.04 -19.98
C GLY A 36 -23.23 0.19 -19.10
N LYS A 37 -22.65 0.18 -17.90
CA LYS A 37 -22.73 1.28 -16.95
C LYS A 37 -21.43 2.06 -16.89
N THR A 38 -21.53 3.37 -16.65
CA THR A 38 -20.37 4.19 -16.33
C THR A 38 -20.29 4.34 -14.82
N PHE A 39 -19.27 3.73 -14.22
CA PHE A 39 -19.02 3.80 -12.79
C PHE A 39 -18.20 5.04 -12.46
N THR A 40 -18.41 5.58 -11.26
CA THR A 40 -17.49 6.57 -10.75
C THR A 40 -16.21 5.89 -10.28
N SER A 41 -15.15 6.69 -10.14
CA SER A 41 -13.92 6.15 -9.56
C SER A 41 -14.16 5.49 -8.22
N ASP A 42 -14.91 6.16 -7.33
CA ASP A 42 -15.11 5.58 -6.00
C ASP A 42 -15.88 4.27 -6.07
N GLU A 43 -16.85 4.14 -6.98
CA GLU A 43 -17.54 2.87 -7.10
C GLU A 43 -16.59 1.75 -7.50
N LEU A 44 -15.71 2.01 -8.47
CA LEU A 44 -14.75 1.01 -8.89
C LEU A 44 -13.80 0.67 -7.75
N LEU A 45 -13.32 1.69 -7.06
CA LEU A 45 -12.37 1.45 -5.99
C LEU A 45 -13.02 0.67 -4.85
N GLU A 46 -14.26 1.01 -4.51
CA GLU A 46 -14.89 0.37 -3.36
C GLU A 46 -15.22 -1.10 -3.61
N VAL A 47 -15.61 -1.46 -4.84
CA VAL A 47 -15.81 -2.89 -5.07
C VAL A 47 -14.47 -3.62 -5.01
N PHE A 48 -13.37 -3.00 -5.47
CA PHE A 48 -12.05 -3.57 -5.21
C PHE A 48 -11.80 -3.69 -3.70
N GLY A 49 -12.09 -2.64 -2.96
CA GLY A 49 -11.81 -2.63 -1.54
C GLY A 49 -12.63 -3.63 -0.73
N ARG A 50 -13.82 -3.98 -1.20
CA ARG A 50 -14.61 -5.02 -0.55
C ARG A 50 -14.09 -6.42 -0.85
N ASN A 51 -13.17 -6.56 -1.81
CA ASN A 51 -12.80 -7.85 -2.33
C ASN A 51 -11.33 -8.20 -2.18
N GLU A 52 -10.42 -7.23 -2.14
CA GLU A 52 -9.00 -7.56 -2.15
C GLU A 52 -8.56 -8.27 -0.87
N SER A 53 -8.93 -7.73 0.29
CA SER A 53 -8.48 -8.35 1.53
C SER A 53 -9.12 -9.71 1.73
N PRO A 54 -10.43 -9.88 1.47
CA PRO A 54 -10.98 -11.25 1.46
C PRO A 54 -10.20 -12.20 0.58
N GLN A 55 -9.80 -11.77 -0.62
CA GLN A 55 -9.03 -12.64 -1.49
C GLN A 55 -7.67 -12.99 -0.89
N GLN A 56 -7.01 -12.03 -0.25
CA GLN A 56 -5.73 -12.27 0.39
C GLN A 56 -5.87 -13.23 1.56
N THR A 57 -7.02 -13.25 2.23
CA THR A 57 -7.30 -14.30 3.22
C THR A 57 -7.53 -15.64 2.57
N GLU A 58 -8.24 -15.64 1.46
CA GLU A 58 -8.58 -16.87 0.74
C GLU A 58 -7.35 -17.58 0.21
N THR A 59 -6.38 -16.85 -0.32
CA THR A 59 -5.19 -17.41 -0.91
C THR A 59 -3.98 -16.65 -0.37
N PRO A 60 -3.60 -16.90 0.89
CA PRO A 60 -2.59 -16.04 1.54
C PRO A 60 -1.20 -16.17 0.97
N GLY A 61 -0.89 -17.29 0.33
CA GLY A 61 0.40 -17.50 -0.29
C GLY A 61 0.44 -17.16 -1.76
N ALA A 62 -0.64 -16.62 -2.32
CA ALA A 62 -0.65 -16.30 -3.75
C ALA A 62 0.26 -15.12 -4.06
N LEU A 63 0.91 -15.20 -5.23
CA LEU A 63 1.60 -14.06 -5.78
C LEU A 63 0.58 -12.96 -6.08
N TYR A 64 1.06 -11.72 -6.17
CA TYR A 64 0.12 -10.61 -6.27
C TYR A 64 -0.68 -10.61 -7.56
N GLN A 65 -0.07 -11.00 -8.68
CA GLN A 65 -0.85 -11.09 -9.90
C GLN A 65 -2.00 -12.08 -9.74
N ASP A 66 -1.77 -13.18 -9.00
CA ASP A 66 -2.86 -14.13 -8.77
C ASP A 66 -3.93 -13.55 -7.87
N ILE A 67 -3.54 -12.73 -6.87
CA ILE A 67 -4.54 -11.98 -6.12
C ILE A 67 -5.37 -11.13 -7.06
N LEU A 68 -4.70 -10.35 -7.92
CA LEU A 68 -5.43 -9.44 -8.79
C LEU A 68 -6.32 -10.17 -9.78
N ARG A 69 -5.85 -11.28 -10.35
CA ARG A 69 -6.69 -12.09 -11.24
CA ARG A 69 -6.73 -12.01 -11.25
C ARG A 69 -7.96 -12.55 -10.53
N ALA A 70 -7.81 -12.97 -9.27
CA ALA A 70 -8.95 -13.44 -8.50
C ALA A 70 -9.86 -12.30 -8.07
N VAL A 71 -9.31 -11.11 -7.84
CA VAL A 71 -10.14 -9.95 -7.56
C VAL A 71 -10.94 -9.56 -8.80
N TYR A 72 -10.30 -9.60 -9.97
CA TYR A 72 -11.05 -9.42 -11.22
C TYR A 72 -12.23 -10.37 -11.26
N ASP A 73 -12.00 -11.66 -10.95
CA ASP A 73 -13.11 -12.61 -10.98
C ASP A 73 -14.21 -12.22 -9.99
N ARG A 74 -13.82 -11.78 -8.79
CA ARG A 74 -14.81 -11.35 -7.80
C ARG A 74 -15.63 -10.17 -8.31
N ILE A 75 -14.98 -9.19 -8.93
CA ILE A 75 -15.70 -8.01 -9.41
C ILE A 75 -16.61 -8.38 -10.57
N ALA A 76 -16.10 -9.18 -11.52
CA ALA A 76 -16.94 -9.66 -12.60
C ALA A 76 -18.21 -10.31 -12.06
N LYS A 77 -18.07 -11.12 -11.01
CA LYS A 77 -19.21 -11.79 -10.44
C LYS A 77 -20.21 -10.80 -9.82
N GLU A 78 -19.74 -9.76 -9.13
CA GLU A 78 -20.66 -8.76 -8.60
C GLU A 78 -21.42 -8.07 -9.72
N TRP A 79 -20.82 -8.01 -10.91
CA TRP A 79 -21.38 -7.32 -12.06
C TRP A 79 -22.13 -8.23 -12.99
N GLY A 80 -22.24 -9.52 -12.66
CA GLY A 80 -22.99 -10.44 -13.51
C GLY A 80 -22.30 -10.81 -14.79
N LEU A 81 -20.98 -10.71 -14.85
CA LEU A 81 -20.22 -11.01 -16.05
C LEU A 81 -19.41 -12.30 -15.89
N GLU A 82 -19.32 -13.06 -16.96
CA GLU A 82 -18.39 -14.17 -16.93
CA GLU A 82 -18.39 -14.18 -16.96
C GLU A 82 -16.97 -13.64 -17.14
N PRO A 83 -15.99 -14.16 -16.41
CA PRO A 83 -14.62 -13.68 -16.63
C PRO A 83 -14.18 -13.91 -18.07
N ASP A 84 -13.40 -12.99 -18.58
CA ASP A 84 -12.74 -13.15 -19.87
C ASP A 84 -11.25 -13.31 -19.61
N ALA A 85 -10.66 -14.42 -20.07
CA ALA A 85 -9.30 -14.75 -19.68
C ALA A 85 -8.29 -13.66 -20.05
N ALA A 86 -8.40 -13.11 -21.26
CA ALA A 86 -7.46 -12.09 -21.69
C ALA A 86 -7.65 -10.81 -20.88
N GLU A 87 -8.90 -10.44 -20.62
CA GLU A 87 -9.18 -9.26 -19.82
C GLU A 87 -8.65 -9.43 -18.41
N ARG A 88 -8.83 -10.64 -17.86
CA ARG A 88 -8.32 -10.98 -16.54
CA ARG A 88 -8.33 -10.93 -16.53
C ARG A 88 -6.81 -10.81 -16.47
N GLU A 89 -6.11 -11.28 -17.50
CA GLU A 89 -4.66 -11.14 -17.55
CA GLU A 89 -4.66 -11.14 -17.52
C GLU A 89 -4.24 -9.68 -17.63
N GLU A 90 -4.93 -8.89 -18.45
CA GLU A 90 -4.55 -7.49 -18.56
CA GLU A 90 -4.61 -7.47 -18.58
C GLU A 90 -4.78 -6.74 -17.25
N PHE A 91 -5.85 -7.09 -16.51
CA PHE A 91 -6.01 -6.49 -15.18
C PHE A 91 -4.95 -6.98 -14.22
N GLY A 92 -4.74 -8.31 -14.20
CA GLY A 92 -3.86 -8.91 -13.22
C GLY A 92 -2.40 -8.55 -13.36
N THR A 93 -1.97 -8.18 -14.56
CA THR A 93 -0.59 -7.77 -14.80
C THR A 93 -0.42 -6.25 -14.79
N SER A 94 -1.41 -5.49 -14.31
CA SER A 94 -1.39 -4.04 -14.48
C SER A 94 -0.47 -3.30 -13.50
N VAL A 95 0.14 -3.93 -12.48
CA VAL A 95 0.97 -3.17 -11.54
C VAL A 95 2.08 -2.41 -12.28
N LYS A 96 2.60 -2.97 -13.37
CA LYS A 96 3.62 -2.32 -14.18
CA LYS A 96 3.63 -2.30 -14.16
C LYS A 96 3.23 -0.90 -14.57
N ASN A 97 1.92 -0.61 -14.62
CA ASN A 97 1.42 0.70 -15.03
C ASN A 97 0.92 1.55 -13.89
N TRP A 98 0.97 1.08 -12.66
CA TRP A 98 0.46 1.88 -11.55
C TRP A 98 1.49 2.95 -11.20
N PRO A 99 1.14 4.23 -11.27
CA PRO A 99 2.16 5.29 -11.18
C PRO A 99 2.46 5.67 -9.73
N ALA A 100 3.65 6.25 -9.52
CA ALA A 100 3.90 6.92 -8.26
C ALA A 100 3.01 8.14 -8.12
N PHE A 101 2.64 8.48 -6.87
CA PHE A 101 2.10 9.83 -6.64
C PHE A 101 3.15 10.86 -7.05
N PRO A 102 2.72 12.06 -7.44
CA PRO A 102 3.69 13.04 -7.98
CA PRO A 102 3.69 13.05 -7.98
C PRO A 102 4.69 13.57 -6.96
N ASP A 103 4.44 13.41 -5.66
CA ASP A 103 5.39 13.85 -4.66
C ASP A 103 6.33 12.76 -4.20
N THR A 104 6.06 11.50 -4.58
CA THR A 104 6.71 10.38 -3.90
C THR A 104 8.22 10.35 -4.10
N VAL A 105 8.69 10.43 -5.34
CA VAL A 105 10.11 10.24 -5.58
C VAL A 105 10.92 11.30 -4.84
N GLU A 106 10.50 12.56 -4.95
CA GLU A 106 11.25 13.63 -4.31
C GLU A 106 11.26 13.45 -2.80
N ALA A 107 10.13 13.05 -2.22
CA ALA A 107 10.06 12.86 -0.78
C ALA A 107 10.94 11.70 -0.35
N LEU A 108 10.88 10.57 -1.06
CA LEU A 108 11.69 9.41 -0.70
C LEU A 108 13.18 9.72 -0.82
N GLN A 109 13.58 10.42 -1.90
CA GLN A 109 15.01 10.70 -2.06
C GLN A 109 15.50 11.60 -0.94
N TYR A 110 14.66 12.55 -0.49
CA TYR A 110 15.03 13.34 0.67
C TYR A 110 15.13 12.48 1.92
N LEU A 111 14.09 11.70 2.20
CA LEU A 111 14.05 10.95 3.46
C LEU A 111 15.14 9.89 3.52
N LYS A 112 15.56 9.38 2.37
CA LYS A 112 16.64 8.40 2.29
C LYS A 112 17.95 8.95 2.84
N LYS A 113 18.13 10.27 2.86
CA LYS A 113 19.32 10.85 3.45
C LYS A 113 19.31 10.77 4.97
N HIS A 114 18.16 10.50 5.59
CA HIS A 114 17.99 10.66 7.02
C HIS A 114 17.53 9.41 7.72
N TYR A 115 16.97 8.46 6.98
CA TYR A 115 16.42 7.26 7.56
C TYR A 115 16.82 6.06 6.70
N LYS A 116 16.91 4.90 7.33
CA LYS A 116 16.79 3.67 6.59
C LYS A 116 15.35 3.56 6.10
N LEU A 117 15.18 3.23 4.82
CA LEU A 117 13.85 3.13 4.22
C LEU A 117 13.52 1.67 3.98
N VAL A 118 12.36 1.26 4.46
CA VAL A 118 11.97 -0.14 4.46
C VAL A 118 10.60 -0.27 3.84
N ILE A 119 10.39 -1.31 3.06
CA ILE A 119 9.09 -1.64 2.51
C ILE A 119 8.50 -2.80 3.30
N LEU A 120 7.23 -2.65 3.70
CA LEU A 120 6.44 -3.78 4.20
C LEU A 120 5.18 -3.78 3.35
N SER A 121 5.12 -4.63 2.32
CA SER A 121 4.12 -4.47 1.29
C SER A 121 3.38 -5.77 0.96
N ASN A 122 2.09 -5.61 0.69
CA ASN A 122 1.21 -6.62 0.12
C ASN A 122 1.51 -6.73 -1.38
N ILE A 123 2.50 -7.55 -1.67
CA ILE A 123 3.11 -7.70 -3.00
C ILE A 123 4.00 -8.93 -2.92
N ASP A 124 4.51 -9.38 -4.06
CA ASP A 124 5.57 -10.37 -4.07
C ASP A 124 6.87 -9.70 -4.53
N ARG A 125 8.00 -10.38 -4.33
CA ARG A 125 9.31 -9.75 -4.55
C ARG A 125 9.49 -9.27 -5.99
N ASN A 126 9.20 -10.12 -6.96
CA ASN A 126 9.47 -9.73 -8.35
C ASN A 126 8.53 -8.64 -8.81
N GLU A 127 7.26 -8.71 -8.43
CA GLU A 127 6.33 -7.66 -8.85
C GLU A 127 6.73 -6.32 -8.25
N PHE A 128 7.20 -6.33 -7.02
CA PHE A 128 7.58 -5.07 -6.38
C PHE A 128 8.70 -4.37 -7.13
N LYS A 129 9.62 -5.13 -7.75
CA LYS A 129 10.71 -4.51 -8.48
CA LYS A 129 10.71 -4.52 -8.50
CA LYS A 129 10.71 -4.52 -8.50
C LYS A 129 10.19 -3.53 -9.52
N LEU A 130 9.06 -3.85 -10.17
CA LEU A 130 8.49 -2.93 -11.16
C LEU A 130 8.12 -1.60 -10.53
N SER A 131 7.51 -1.64 -9.34
CA SER A 131 7.17 -0.41 -8.64
C SER A 131 8.42 0.29 -8.10
N ASN A 132 9.40 -0.48 -7.63
CA ASN A 132 10.60 0.13 -7.08
C ASN A 132 11.31 0.99 -8.14
N ALA A 133 11.26 0.57 -9.40
CA ALA A 133 11.86 1.35 -10.48
C ALA A 133 11.18 2.70 -10.67
N LYS A 134 9.97 2.89 -10.14
CA LYS A 134 9.26 4.16 -10.19
C LYS A 134 9.47 5.00 -8.93
N LEU A 135 10.19 4.50 -7.94
CA LEU A 135 10.25 5.16 -6.65
C LEU A 135 11.56 5.91 -6.42
N GLY A 136 12.60 5.66 -7.21
CA GLY A 136 13.79 6.51 -7.21
C GLY A 136 14.75 6.33 -6.07
N VAL A 137 14.61 5.28 -5.25
CA VAL A 137 15.52 5.00 -4.16
C VAL A 137 15.81 3.50 -4.10
N GLU A 138 16.95 3.19 -3.49
CA GLU A 138 17.24 1.84 -2.97
C GLU A 138 16.60 1.74 -1.59
N PHE A 139 15.79 0.70 -1.38
CA PHE A 139 15.28 0.44 -0.04
C PHE A 139 16.28 -0.39 0.74
N ASP A 140 16.50 -0.01 1.99
CA ASP A 140 17.42 -0.76 2.85
C ASP A 140 16.94 -2.17 3.12
N HIS A 141 15.62 -2.37 3.27
CA HIS A 141 15.05 -3.70 3.49
C HIS A 141 13.69 -3.73 2.81
N ILE A 142 13.37 -4.87 2.23
CA ILE A 142 12.09 -5.07 1.55
C ILE A 142 11.47 -6.35 2.11
N ILE A 143 10.33 -6.21 2.76
CA ILE A 143 9.55 -7.34 3.29
C ILE A 143 8.25 -7.39 2.50
N THR A 144 8.02 -8.48 1.82
CA THR A 144 6.81 -8.65 1.02
C THR A 144 5.93 -9.74 1.61
N ALA A 145 4.66 -9.72 1.19
CA ALA A 145 3.74 -10.80 1.57
C ALA A 145 4.33 -12.15 1.16
N GLN A 146 5.03 -12.20 0.03
CA GLN A 146 5.63 -13.46 -0.38
C GLN A 146 6.63 -13.98 0.65
N ASP A 147 7.41 -13.07 1.23
CA ASP A 147 8.37 -13.49 2.25
C ASP A 147 7.69 -14.05 3.48
N VAL A 148 6.54 -13.48 3.84
CA VAL A 148 5.90 -13.84 5.10
C VAL A 148 5.02 -15.08 4.94
N GLY A 149 4.35 -15.22 3.79
CA GLY A 149 3.35 -16.26 3.59
C GLY A 149 1.94 -15.81 3.91
N SER A 150 1.71 -14.51 4.06
CA SER A 150 0.40 -13.95 4.33
C SER A 150 0.48 -12.47 4.01
N TYR A 151 -0.68 -11.81 4.01
CA TYR A 151 -0.81 -10.40 3.69
C TYR A 151 -1.21 -9.61 4.94
N LYS A 152 -0.79 -8.35 4.98
CA LYS A 152 -1.31 -7.45 6.00
C LYS A 152 -2.83 -7.40 5.86
N PRO A 153 -3.59 -7.33 6.97
CA PRO A 153 -3.14 -6.99 8.34
C PRO A 153 -2.71 -8.15 9.22
N ASN A 154 -2.36 -9.31 8.67
CA ASN A 154 -1.93 -10.42 9.50
C ASN A 154 -0.80 -9.95 10.42
N PRO A 155 -0.87 -10.21 11.73
CA PRO A 155 0.21 -9.74 12.62
C PRO A 155 1.57 -10.29 12.27
N ASN A 156 1.62 -11.47 11.65
CA ASN A 156 2.91 -12.06 11.31
C ASN A 156 3.69 -11.18 10.35
N ASN A 157 2.98 -10.39 9.53
CA ASN A 157 3.70 -9.54 8.59
C ASN A 157 4.49 -8.48 9.33
N PHE A 158 3.92 -7.96 10.42
CA PHE A 158 4.60 -6.97 11.24
C PHE A 158 5.72 -7.59 12.07
N THR A 159 5.48 -8.78 12.66
CA THR A 159 6.52 -9.45 13.42
CA THR A 159 6.54 -9.43 13.42
C THR A 159 7.73 -9.75 12.54
N TYR A 160 7.49 -10.21 11.31
CA TYR A 160 8.58 -10.51 10.40
C TYR A 160 9.42 -9.28 10.15
N MET A 161 8.76 -8.15 9.88
CA MET A 161 9.47 -6.91 9.63
CA MET A 161 9.51 -6.93 9.61
C MET A 161 10.27 -6.46 10.84
N ILE A 162 9.65 -6.51 12.02
CA ILE A 162 10.31 -6.02 13.21
C ILE A 162 11.56 -6.85 13.50
N ASP A 163 11.44 -8.16 13.34
CA ASP A 163 12.57 -9.05 13.57
CA ASP A 163 12.56 -9.07 13.55
C ASP A 163 13.67 -8.81 12.54
N ALA A 164 13.31 -8.61 11.27
CA ALA A 164 14.32 -8.36 10.27
C ALA A 164 15.09 -7.09 10.58
N LEU A 165 14.39 -6.06 11.04
CA LEU A 165 15.08 -4.81 11.33
C LEU A 165 15.92 -4.92 12.60
N ALA A 166 15.45 -5.66 13.61
CA ALA A 166 16.26 -5.89 14.79
C ALA A 166 17.60 -6.53 14.42
N LYS A 167 17.58 -7.46 13.47
CA LYS A 167 18.82 -8.09 13.04
C LYS A 167 19.77 -7.12 12.37
N ALA A 168 19.25 -6.03 11.80
CA ALA A 168 20.04 -4.97 11.21
C ALA A 168 20.34 -3.85 12.19
N GLY A 169 20.12 -4.07 13.49
CA GLY A 169 20.46 -3.08 14.49
C GLY A 169 19.43 -1.99 14.68
N ILE A 170 18.21 -2.18 14.19
CA ILE A 170 17.12 -1.22 14.32
C ILE A 170 16.15 -1.79 15.36
N GLU A 171 16.12 -1.17 16.53
CA GLU A 171 15.22 -1.59 17.60
C GLU A 171 13.78 -1.14 17.28
N LYS A 172 12.79 -1.77 17.94
CA LYS A 172 11.41 -1.46 17.55
C LYS A 172 11.08 0.01 17.78
N LYS A 173 11.60 0.61 18.86
CA LYS A 173 11.39 2.03 19.14
C LYS A 173 11.94 2.92 18.03
N ASP A 174 12.85 2.40 17.20
CA ASP A 174 13.49 3.18 16.14
C ASP A 174 12.65 3.26 14.86
N ILE A 175 11.51 2.57 14.81
CA ILE A 175 10.72 2.43 13.60
C ILE A 175 9.54 3.38 13.62
N LEU A 176 9.30 4.04 12.48
CA LEU A 176 8.10 4.84 12.27
C LEU A 176 7.37 4.24 11.07
N HIS A 177 6.24 3.59 11.33
CA HIS A 177 5.50 2.92 10.27
C HIS A 177 4.60 3.93 9.56
N THR A 178 4.82 4.09 8.26
CA THR A 178 4.33 5.23 7.48
C THR A 178 3.42 4.70 6.39
N ALA A 179 2.13 5.06 6.42
CA ALA A 179 1.17 4.39 5.56
C ALA A 179 -0.13 5.17 5.52
N GLU A 180 -0.91 4.95 4.46
CA GLU A 180 -2.27 5.50 4.42
C GLU A 180 -3.30 4.59 5.10
N SER A 181 -3.14 3.28 5.05
CA SER A 181 -4.23 2.37 5.34
C SER A 181 -4.46 2.18 6.83
N LEU A 182 -5.62 2.63 7.33
CA LEU A 182 -5.97 2.36 8.71
C LEU A 182 -6.11 0.85 8.94
N TYR A 183 -6.76 0.17 7.99
CA TYR A 183 -7.05 -1.25 8.09
C TYR A 183 -5.79 -2.11 7.97
N HIS A 184 -4.97 -1.86 6.94
CA HIS A 184 -3.86 -2.77 6.66
C HIS A 184 -2.65 -2.48 7.52
N ASP A 185 -2.48 -1.22 7.93
CA ASP A 185 -1.24 -0.74 8.50
C ASP A 185 -1.41 -0.23 9.92
N HIS A 186 -2.29 0.73 10.16
CA HIS A 186 -2.24 1.37 11.47
C HIS A 186 -2.89 0.58 12.57
N ILE A 187 -3.99 -0.14 12.30
CA ILE A 187 -4.53 -1.04 13.32
C ILE A 187 -3.51 -2.11 13.70
N PRO A 188 -2.91 -2.84 12.77
CA PRO A 188 -1.92 -3.84 13.20
C PRO A 188 -0.66 -3.20 13.76
N ALA A 189 -0.31 -1.98 13.33
CA ALA A 189 0.86 -1.33 13.93
C ALA A 189 0.60 -1.01 15.39
N ASN A 190 -0.63 -0.57 15.72
CA ASN A 190 -0.98 -0.37 17.13
C ASN A 190 -0.78 -1.67 17.91
N ASP A 191 -1.34 -2.76 17.38
CA ASP A 191 -1.27 -4.03 18.08
C ASP A 191 0.16 -4.51 18.22
N ALA A 192 1.04 -4.14 17.29
CA ALA A 192 2.44 -4.52 17.30
C ALA A 192 3.30 -3.56 18.12
N GLY A 193 2.72 -2.52 18.72
CA GLY A 193 3.53 -1.63 19.53
C GLY A 193 4.43 -0.71 18.73
N LEU A 194 4.06 -0.36 17.50
CA LEU A 194 4.84 0.51 16.65
C LEU A 194 4.28 1.92 16.71
N VAL A 195 5.16 2.90 16.50
CA VAL A 195 4.75 4.27 16.26
C VAL A 195 4.33 4.39 14.79
N SER A 196 3.26 5.18 14.54
N SER A 196 3.28 5.14 14.50
CA SER A 196 2.62 5.32 13.24
CA SER A 196 2.89 5.21 13.12
C SER A 196 2.62 6.75 12.73
C SER A 196 2.51 6.62 12.67
N ALA A 197 2.86 6.90 11.43
CA ALA A 197 2.61 8.14 10.70
C ALA A 197 1.55 7.85 9.64
N TRP A 198 0.43 8.54 9.75
CA TRP A 198 -0.68 8.38 8.83
C TRP A 198 -0.50 9.36 7.67
N ILE A 199 -0.32 8.83 6.46
CA ILE A 199 -0.27 9.65 5.25
C ILE A 199 -1.67 9.58 4.65
N TYR A 200 -2.45 10.63 4.86
CA TYR A 200 -3.88 10.60 4.51
C TYR A 200 -4.07 11.04 3.06
N ARG A 201 -3.70 10.13 2.16
CA ARG A 201 -3.73 10.44 0.73
C ARG A 201 -5.11 10.87 0.28
N ARG A 202 -6.17 10.27 0.83
CA ARG A 202 -7.54 10.58 0.46
C ARG A 202 -8.15 11.70 1.29
N HIS A 203 -7.31 12.55 1.92
N HIS A 203 -7.34 12.59 1.86
CA HIS A 203 -7.81 13.53 2.89
CA HIS A 203 -7.94 13.75 2.51
C HIS A 203 -8.93 14.40 2.32
C HIS A 203 -8.79 14.54 1.52
N GLY A 204 -8.90 14.69 1.02
N GLY A 204 -9.98 14.95 1.98
CA GLY A 204 -9.94 15.51 0.41
CA GLY A 204 -10.93 15.64 1.13
C GLY A 204 -10.97 14.77 -0.41
C GLY A 204 -11.70 14.75 0.18
N LYS A 205 -11.25 13.51 -0.04
CA LYS A 205 -12.07 12.59 -0.82
CA LYS A 205 -12.05 12.57 -0.82
C LYS A 205 -12.99 11.81 0.10
N GLU A 206 -13.93 11.08 -0.50
CA GLU A 206 -14.94 10.36 0.28
C GLU A 206 -14.50 8.91 0.52
N GLY A 207 -14.65 8.45 1.75
CA GLY A 207 -14.44 7.03 2.01
C GLY A 207 -13.00 6.58 1.84
N TYR A 208 -12.87 5.26 1.70
CA TYR A 208 -11.57 4.60 1.79
C TYR A 208 -10.99 4.19 0.44
N GLY A 209 -11.74 4.40 -0.64
CA GLY A 209 -11.19 4.08 -1.96
C GLY A 209 -10.92 2.60 -2.11
N ALA A 210 -9.71 2.25 -2.58
CA ALA A 210 -9.33 0.86 -2.79
C ALA A 210 -9.05 0.13 -1.49
N THR A 211 -8.92 0.85 -0.38
CA THR A 211 -8.51 0.27 0.88
C THR A 211 -9.74 -0.29 1.60
N HIS A 212 -9.60 -1.47 2.20
CA HIS A 212 -10.69 -2.06 2.96
C HIS A 212 -11.08 -1.13 4.10
N VAL A 213 -12.37 -1.13 4.42
CA VAL A 213 -12.90 -0.34 5.55
C VAL A 213 -12.24 -0.81 6.83
N PRO A 214 -11.81 0.08 7.72
CA PRO A 214 -11.21 -0.35 8.99
C PRO A 214 -12.28 -0.60 10.04
N SER A 215 -11.97 -1.51 10.97
CA SER A 215 -12.92 -1.85 12.02
C SER A 215 -12.98 -0.81 13.14
N ARG A 216 -11.99 0.07 13.26
CA ARG A 216 -11.95 1.08 14.30
C ARG A 216 -10.96 2.13 13.83
N MET A 217 -10.91 3.25 14.54
CA MET A 217 -9.89 4.26 14.27
CA MET A 217 -9.90 4.27 14.28
C MET A 217 -8.67 3.93 15.12
N PRO A 218 -7.56 3.52 14.53
CA PRO A 218 -6.36 3.30 15.33
C PRO A 218 -5.77 4.61 15.82
N ASN A 219 -4.87 4.50 16.79
CA ASN A 219 -4.13 5.66 17.31
C ASN A 219 -2.91 5.92 16.47
N VAL A 220 -2.82 7.08 15.89
CA VAL A 220 -1.66 7.44 15.07
C VAL A 220 -0.89 8.54 15.76
N ASP A 221 0.42 8.59 15.49
CA ASP A 221 1.31 9.48 16.20
C ASP A 221 1.63 10.73 15.41
N PHE A 222 1.46 10.69 14.09
CA PHE A 222 1.63 11.83 13.20
C PHE A 222 0.61 11.67 12.10
N ARG A 223 0.14 12.78 11.54
CA ARG A 223 -0.64 12.76 10.31
C ARG A 223 -0.04 13.78 9.34
N PHE A 224 0.14 13.36 8.10
CA PHE A 224 0.53 14.26 7.02
C PHE A 224 -0.38 13.96 5.85
N ASN A 225 -0.77 15.00 5.09
CA ASN A 225 -1.68 14.77 3.97
C ASN A 225 -0.96 14.28 2.72
N SER A 226 0.36 14.21 2.73
CA SER A 226 1.12 13.71 1.59
C SER A 226 2.52 13.36 2.06
N MET A 227 3.27 12.69 1.18
CA MET A 227 4.68 12.41 1.48
C MET A 227 5.52 13.67 1.44
N GLY A 228 5.24 14.58 0.49
CA GLY A 228 5.96 15.85 0.47
C GLY A 228 5.80 16.62 1.77
N GLU A 229 4.60 16.58 2.37
CA GLU A 229 4.42 17.30 3.63
CA GLU A 229 4.40 17.29 3.64
C GLU A 229 5.17 16.65 4.78
N MET A 230 5.31 15.31 4.76
CA MET A 230 6.15 14.66 5.75
C MET A 230 7.60 15.10 5.59
N ALA A 231 8.10 15.17 4.35
CA ALA A 231 9.45 15.63 4.09
C ALA A 231 9.64 17.06 4.57
N GLU A 232 8.70 17.95 4.25
CA GLU A 232 8.82 19.34 4.69
C GLU A 232 8.84 19.43 6.21
N ALA A 233 8.04 18.59 6.87
CA ALA A 233 8.02 18.57 8.33
C ALA A 233 9.38 18.16 8.87
N HIS A 234 9.98 17.12 8.27
CA HIS A 234 11.28 16.66 8.71
C HIS A 234 12.33 17.74 8.56
N LYS A 235 12.29 18.50 7.46
CA LYS A 235 13.28 19.55 7.26
C LYS A 235 13.28 20.53 8.42
N GLN A 236 12.09 20.85 8.95
CA GLN A 236 12.03 21.70 10.14
C GLN A 236 12.41 20.94 11.40
N ALA A 237 11.98 19.69 11.55
CA ALA A 237 12.32 18.95 12.78
C ALA A 237 13.83 18.79 12.94
N LEU A 238 14.54 18.62 11.83
CA LEU A 238 15.96 18.36 11.87
C LEU A 238 16.72 19.55 12.43
N LYS A 239 16.16 20.75 12.35
CA LYS A 239 16.80 21.95 12.87
C LYS A 239 16.72 22.05 14.38
N GLY A 240 16.03 21.13 15.03
CA GLY A 240 15.79 21.23 16.46
C GLY A 240 17.01 20.77 17.22
C FMT B . 1.01 -2.41 0.16
O1 FMT B . 1.99 -1.92 -0.39
O2 FMT B . 1.02 -3.15 1.17
C FMT C . -9.00 7.80 -9.22
O1 FMT C . -9.62 7.97 -10.28
O2 FMT C . -9.50 7.73 -8.08
N1 IMD D . -10.44 -11.41 5.11
C2 IMD D . -10.50 -10.06 4.94
N3 IMD D . -11.77 -9.63 5.16
C4 IMD D . -12.51 -10.72 5.48
C5 IMD D . -11.68 -11.82 5.43
MG MG E . -13.14 -17.88 -4.43
#